data_1PFW
#
_entry.id   1PFW
#
_cell.length_a   78.490
_cell.length_b   45.288
_cell.length_c   86.274
_cell.angle_alpha   90.00
_cell.angle_beta   107.37
_cell.angle_gamma   90.00
#
_symmetry.space_group_name_H-M   'P 1 21 1'
#
loop_
_entity.id
_entity.type
_entity.pdbx_description
1 polymer 'Methionyl-tRNA synthetase'
2 non-polymer 'ZINC ION'
3 non-polymer '2-AMINO-4-TRIFLUOROMETHYLSULFANYL-BUTYRIC ACID'
4 water water
#
_entity_poly.entity_id   1
_entity_poly.type   'polypeptide(L)'
_entity_poly.pdbx_seq_one_letter_code
;TQVAKKILVTCALPYANGSIHLGHMLEHIQADVWVRYQRMRGHEVNFICADDAHGTPIMLKAQQLGITPEQMIGEMSQEH
QTDFAGFNISYDNYHSTHSEENRQLSELIYSRLKENGFIKNRTISQLYDPEKGMFLPDRFVKGTCPKCKSPDQYGDNCEV
CGATYSPTELIEPKSVVSGATPVMRDSEHFFFDLPSFSEMLQAWTRSGALQEQVANKMQEWFESGLQQWDISRDAPYFGF
EIPNAPGKYFYVWLDAPIGYMGSFKNLCDKRGDSVSFDEYWKKDSTAELYHFIGKDIVYFHSLFWPAMLEGSNFRKPSNL
FVHGYVTVNGAKMSKSRGTFIKASTWLNHFDADSLRYYYTAKLSSRIDDIDLNLEDFVQRVNADIVNKVVNLASRNAGFI
NKRFDGVLASELADPQLYKTFTDAAEVIGEAWESREFGKAVREIMALADLANRYVDEQAPWVVAKQEGRDADLQAICSMG
INLFRVLMTYLKPVLPKLTERAEAFLNTELTWDGIQQPLLGHKVNPFKALYNRIDMRQVEALVEASKEEVK
;
_entity_poly.pdbx_strand_id   A
#
# COMPACT_ATOMS: atom_id res chain seq x y z
N ALA A 4 20.39 -11.96 9.78
CA ALA A 4 18.97 -11.54 9.64
C ALA A 4 18.85 -10.02 9.63
N LYS A 5 18.35 -9.48 8.53
CA LYS A 5 18.18 -8.04 8.39
C LYS A 5 17.02 -7.57 9.27
N LYS A 6 17.11 -6.32 9.70
CA LYS A 6 16.03 -5.70 10.48
C LYS A 6 15.46 -4.69 9.48
N ILE A 7 14.18 -4.84 9.16
CA ILE A 7 13.54 -3.98 8.18
C ILE A 7 12.25 -3.35 8.69
N LEU A 8 12.10 -2.04 8.51
CA LEU A 8 10.88 -1.35 8.90
C LEU A 8 10.28 -0.87 7.59
N VAL A 9 9.09 -1.35 7.28
CA VAL A 9 8.40 -1.00 6.04
C VAL A 9 7.09 -0.29 6.35
N THR A 10 6.79 0.75 5.59
CA THR A 10 5.55 1.50 5.79
C THR A 10 4.81 1.70 4.49
N CYS A 11 3.54 2.07 4.61
CA CYS A 11 2.69 2.44 3.48
C CYS A 11 2.29 3.85 3.90
N ALA A 12 1.91 4.69 2.93
CA ALA A 12 1.49 6.05 3.27
C ALA A 12 0.29 5.98 4.19
N LEU A 13 0.20 6.93 5.12
CA LEU A 13 -0.90 6.95 6.08
C LEU A 13 -2.16 7.50 5.41
N PRO A 14 -3.21 6.67 5.32
CA PRO A 14 -4.48 7.07 4.69
C PRO A 14 -5.18 8.21 5.44
N TYR A 15 -5.75 9.15 4.70
CA TYR A 15 -6.49 10.25 5.32
C TYR A 15 -7.71 9.66 6.01
N ALA A 16 -7.99 10.14 7.22
CA ALA A 16 -9.11 9.61 8.00
C ALA A 16 -10.49 10.05 7.52
N ASN A 17 -10.56 10.95 6.55
CA ASN A 17 -11.87 11.42 6.09
C ASN A 17 -12.39 10.80 4.79
N GLY A 18 -11.88 9.63 4.43
CA GLY A 18 -12.34 8.98 3.22
C GLY A 18 -12.17 7.46 3.30
N SER A 19 -13.06 6.73 2.64
CA SER A 19 -12.99 5.27 2.65
C SER A 19 -11.86 4.76 1.77
N ILE A 20 -11.34 3.57 2.10
CA ILE A 20 -10.26 2.98 1.32
C ILE A 20 -10.80 2.53 -0.04
N HIS A 21 -10.10 2.88 -1.12
CA HIS A 21 -10.53 2.47 -2.45
C HIS A 21 -9.46 1.63 -3.14
N LEU A 22 -9.71 1.20 -4.37
CA LEU A 22 -8.76 0.36 -5.09
C LEU A 22 -7.39 1.02 -5.27
N GLY A 23 -7.35 2.35 -5.22
CA GLY A 23 -6.10 3.07 -5.35
C GLY A 23 -5.22 2.78 -4.15
N HIS A 24 -5.80 2.90 -2.96
CA HIS A 24 -5.06 2.61 -1.73
C HIS A 24 -4.60 1.16 -1.78
N MET A 25 -5.51 0.27 -2.15
CA MET A 25 -5.18 -1.15 -2.18
C MET A 25 -3.98 -1.55 -3.03
N LEU A 26 -3.74 -0.84 -4.13
CA LEU A 26 -2.58 -1.17 -4.95
C LEU A 26 -1.32 -1.03 -4.10
N GLU A 27 -1.24 0.07 -3.36
CA GLU A 27 -0.08 0.34 -2.50
C GLU A 27 0.08 -0.66 -1.35
N HIS A 28 -1.00 -0.90 -0.62
CA HIS A 28 -0.93 -1.80 0.52
C HIS A 28 -0.70 -3.25 0.12
N ILE A 29 -1.21 -3.64 -1.04
CA ILE A 29 -0.99 -5.00 -1.53
C ILE A 29 0.45 -5.14 -2.00
N GLN A 30 0.95 -4.14 -2.73
CA GLN A 30 2.34 -4.20 -3.20
C GLN A 30 3.30 -4.35 -2.03
N ALA A 31 3.10 -3.54 -1.00
CA ALA A 31 3.97 -3.60 0.17
C ALA A 31 3.82 -4.93 0.90
N ASP A 32 2.59 -5.40 1.05
CA ASP A 32 2.35 -6.66 1.75
C ASP A 32 3.02 -7.85 1.09
N VAL A 33 3.01 -7.88 -0.24
CA VAL A 33 3.65 -8.97 -0.96
C VAL A 33 5.15 -8.94 -0.65
N TRP A 34 5.74 -7.76 -0.71
CA TRP A 34 7.17 -7.60 -0.45
C TRP A 34 7.48 -7.99 0.99
N VAL A 35 6.66 -7.53 1.92
CA VAL A 35 6.83 -7.83 3.34
C VAL A 35 6.72 -9.33 3.63
N ARG A 36 5.71 -9.98 3.06
CA ARG A 36 5.55 -11.41 3.30
C ARG A 36 6.75 -12.18 2.75
N TYR A 37 7.28 -11.73 1.61
CA TYR A 37 8.44 -12.40 1.04
C TYR A 37 9.65 -12.23 1.97
N GLN A 38 9.87 -11.01 2.45
CA GLN A 38 11.00 -10.76 3.35
C GLN A 38 10.87 -11.62 4.61
N ARG A 39 9.65 -11.82 5.10
CA ARG A 39 9.46 -12.66 6.29
C ARG A 39 9.78 -14.11 5.94
N MET A 40 9.44 -14.54 4.73
CA MET A 40 9.72 -15.91 4.30
C MET A 40 11.22 -16.17 4.22
N ARG A 41 12.01 -15.12 4.01
CA ARG A 41 13.46 -15.29 3.94
C ARG A 41 14.14 -15.14 5.31
N GLY A 42 13.34 -15.13 6.38
CA GLY A 42 13.87 -15.06 7.72
C GLY A 42 14.32 -13.74 8.33
N HIS A 43 13.95 -12.62 7.72
CA HIS A 43 14.36 -11.33 8.25
C HIS A 43 13.40 -10.84 9.33
N GLU A 44 13.86 -9.90 10.14
CA GLU A 44 13.03 -9.31 11.18
C GLU A 44 12.34 -8.15 10.47
N VAL A 45 11.03 -8.27 10.26
CA VAL A 45 10.29 -7.24 9.56
C VAL A 45 9.21 -6.57 10.41
N ASN A 46 9.13 -5.26 10.30
CA ASN A 46 8.11 -4.48 11.00
C ASN A 46 7.36 -3.68 9.94
N PHE A 47 6.15 -4.11 9.66
CA PHE A 47 5.26 -3.50 8.67
C PHE A 47 4.38 -2.54 9.47
N ILE A 48 4.58 -1.24 9.21
CA ILE A 48 3.89 -0.18 9.96
C ILE A 48 3.02 0.78 9.14
N CYS A 49 1.87 1.15 9.71
CA CYS A 49 0.98 2.12 9.07
C CYS A 49 0.12 2.79 10.15
N ALA A 50 -0.78 3.66 9.71
CA ALA A 50 -1.65 4.38 10.63
C ALA A 50 -2.51 5.34 9.81
N ASP A 51 -3.54 5.89 10.44
CA ASP A 51 -4.41 6.87 9.78
C ASP A 51 -3.81 8.27 9.98
N ASP A 52 -3.92 9.11 8.95
CA ASP A 52 -3.47 10.51 8.97
C ASP A 52 -4.76 11.19 9.43
N ALA A 53 -4.83 11.51 10.73
CA ALA A 53 -6.07 12.03 11.29
C ALA A 53 -6.25 13.51 11.65
N HIS A 54 -5.29 14.36 11.33
CA HIS A 54 -5.41 15.78 11.68
C HIS A 54 -5.76 16.69 10.50
N GLY A 55 -6.04 17.95 10.81
CA GLY A 55 -6.35 18.89 9.74
C GLY A 55 -7.69 19.58 9.77
N THR A 56 -7.78 20.68 9.03
CA THR A 56 -9.00 21.47 8.94
C THR A 56 -10.15 20.69 8.28
N PRO A 57 -9.87 19.96 7.18
CA PRO A 57 -10.95 19.21 6.54
C PRO A 57 -11.65 18.28 7.53
N ILE A 58 -10.85 17.60 8.34
CA ILE A 58 -11.39 16.67 9.34
C ILE A 58 -12.17 17.41 10.42
N MET A 59 -11.60 18.51 10.92
CA MET A 59 -12.28 19.29 11.96
C MET A 59 -13.65 19.73 11.49
N LEU A 60 -13.71 20.26 10.27
CA LEU A 60 -14.96 20.74 9.70
C LEU A 60 -15.97 19.63 9.44
N LYS A 61 -15.50 18.49 8.96
CA LYS A 61 -16.42 17.39 8.68
C LYS A 61 -17.05 16.91 9.99
N ALA A 62 -16.23 16.81 11.03
CA ALA A 62 -16.73 16.37 12.33
C ALA A 62 -17.82 17.33 12.82
N GLN A 63 -17.57 18.62 12.66
CA GLN A 63 -18.53 19.64 13.07
C GLN A 63 -19.83 19.51 12.28
N GLN A 64 -19.73 19.19 11.00
CA GLN A 64 -20.91 19.04 10.15
C GLN A 64 -21.76 17.87 10.64
N LEU A 65 -21.10 16.74 10.90
CA LEU A 65 -21.79 15.54 11.36
C LEU A 65 -22.30 15.66 12.79
N GLY A 66 -21.87 16.70 13.49
CA GLY A 66 -22.31 16.91 14.86
C GLY A 66 -21.68 15.95 15.86
N ILE A 67 -20.42 15.59 15.61
CA ILE A 67 -19.71 14.69 16.50
C ILE A 67 -18.27 15.20 16.67
N THR A 68 -17.60 14.75 17.72
CA THR A 68 -16.22 15.17 17.97
C THR A 68 -15.30 14.59 16.90
N PRO A 69 -14.19 15.28 16.62
CA PRO A 69 -13.27 14.76 15.61
C PRO A 69 -12.74 13.40 16.07
N GLU A 70 -12.55 13.27 17.38
CA GLU A 70 -12.06 12.03 17.95
C GLU A 70 -13.00 10.87 17.62
N GLN A 71 -14.30 11.09 17.75
CA GLN A 71 -15.25 10.03 17.44
C GLN A 71 -15.22 9.68 15.96
N MET A 72 -15.20 10.69 15.11
CA MET A 72 -15.18 10.48 13.67
C MET A 72 -13.94 9.75 13.18
N ILE A 73 -12.77 10.17 13.63
CA ILE A 73 -11.54 9.50 13.20
C ILE A 73 -11.48 8.10 13.79
N GLY A 74 -12.06 7.92 14.97
CA GLY A 74 -12.06 6.61 15.59
C GLY A 74 -12.87 5.63 14.75
N GLU A 75 -14.00 6.10 14.23
CA GLU A 75 -14.86 5.26 13.41
C GLU A 75 -14.19 4.94 12.08
N MET A 76 -13.55 5.95 11.47
CA MET A 76 -12.88 5.73 10.19
C MET A 76 -11.67 4.81 10.36
N SER A 77 -10.99 4.90 11.49
CA SER A 77 -9.83 4.05 11.74
C SER A 77 -10.28 2.59 11.76
N GLN A 78 -11.41 2.33 12.41
CA GLN A 78 -11.94 0.98 12.49
C GLN A 78 -12.36 0.51 11.09
N GLU A 79 -12.95 1.40 10.32
CA GLU A 79 -13.39 1.04 8.97
C GLU A 79 -12.18 0.70 8.11
N HIS A 80 -11.16 1.55 8.16
CA HIS A 80 -9.94 1.33 7.38
C HIS A 80 -9.29 -0.01 7.74
N GLN A 81 -9.14 -0.27 9.03
CA GLN A 81 -8.52 -1.51 9.46
C GLN A 81 -9.32 -2.75 9.09
N THR A 82 -10.65 -2.64 9.08
CA THR A 82 -11.49 -3.77 8.71
C THR A 82 -11.26 -4.09 7.24
N ASP A 83 -11.17 -3.05 6.42
CA ASP A 83 -10.95 -3.23 4.98
C ASP A 83 -9.57 -3.83 4.71
N PHE A 84 -8.54 -3.29 5.34
CA PHE A 84 -7.19 -3.80 5.13
C PHE A 84 -7.08 -5.24 5.63
N ALA A 85 -7.78 -5.54 6.73
CA ALA A 85 -7.77 -6.89 7.28
C ALA A 85 -8.41 -7.85 6.27
N GLY A 86 -9.46 -7.36 5.60
CA GLY A 86 -10.17 -8.16 4.62
C GLY A 86 -9.27 -8.52 3.43
N PHE A 87 -8.25 -7.71 3.19
CA PHE A 87 -7.31 -7.98 2.10
C PHE A 87 -6.05 -8.62 2.62
N ASN A 88 -6.06 -8.98 3.91
CA ASN A 88 -4.94 -9.61 4.56
C ASN A 88 -3.62 -8.84 4.48
N ILE A 89 -3.69 -7.54 4.73
CA ILE A 89 -2.49 -6.72 4.76
C ILE A 89 -1.96 -6.97 6.17
N SER A 90 -0.83 -7.65 6.25
CA SER A 90 -0.23 -8.07 7.52
C SER A 90 0.54 -7.06 8.36
N TYR A 91 -0.08 -5.94 8.71
CA TYR A 91 0.62 -4.95 9.53
C TYR A 91 1.00 -5.50 10.89
N ASP A 92 2.14 -5.05 11.40
CA ASP A 92 2.57 -5.45 12.73
C ASP A 92 1.96 -4.43 13.68
N ASN A 93 1.64 -3.26 13.15
CA ASN A 93 0.98 -2.21 13.93
C ASN A 93 0.30 -1.19 13.02
N TYR A 94 -0.92 -0.80 13.39
CA TYR A 94 -1.68 0.21 12.66
C TYR A 94 -2.13 1.18 13.74
N HIS A 95 -1.52 2.36 13.76
CA HIS A 95 -1.80 3.36 14.79
C HIS A 95 -2.52 4.59 14.24
N SER A 96 -2.18 5.77 14.77
CA SER A 96 -2.82 7.01 14.34
C SER A 96 -1.89 8.18 14.56
N THR A 97 -2.02 9.22 13.74
CA THR A 97 -1.19 10.40 13.92
C THR A 97 -1.72 11.16 15.14
N HIS A 98 -2.95 10.84 15.53
CA HIS A 98 -3.53 11.48 16.71
C HIS A 98 -3.28 10.51 17.86
N SER A 99 -2.09 10.61 18.44
CA SER A 99 -1.68 9.74 19.54
C SER A 99 -0.64 10.43 20.40
N GLU A 100 -0.46 9.94 21.61
CA GLU A 100 0.52 10.53 22.51
C GLU A 100 1.92 10.33 21.95
N GLU A 101 2.15 9.19 21.32
CA GLU A 101 3.46 8.92 20.74
C GLU A 101 3.80 9.95 19.67
N ASN A 102 2.85 10.21 18.77
CA ASN A 102 3.11 11.19 17.71
C ASN A 102 3.22 12.60 18.28
N ARG A 103 2.45 12.89 19.33
CA ARG A 103 2.52 14.23 19.93
C ARG A 103 3.91 14.48 20.51
N GLN A 104 4.43 13.53 21.27
CA GLN A 104 5.76 13.70 21.86
C GLN A 104 6.87 13.77 20.83
N LEU A 105 6.77 12.94 19.79
CA LEU A 105 7.78 12.94 18.75
C LEU A 105 7.71 14.20 17.90
N SER A 106 6.50 14.72 17.68
CA SER A 106 6.35 15.94 16.89
C SER A 106 6.95 17.10 17.66
N GLU A 107 6.68 17.15 18.96
CA GLU A 107 7.22 18.22 19.79
C GLU A 107 8.73 18.13 19.88
N LEU A 108 9.23 16.89 19.98
CA LEU A 108 10.67 16.65 20.07
C LEU A 108 11.39 17.11 18.83
N ILE A 109 10.92 16.64 17.68
CA ILE A 109 11.52 16.99 16.40
C ILE A 109 11.46 18.49 16.16
N TYR A 110 10.33 19.11 16.45
CA TYR A 110 10.19 20.55 16.28
C TYR A 110 11.20 21.30 17.14
N SER A 111 11.33 20.88 18.39
CA SER A 111 12.26 21.53 19.31
C SER A 111 13.69 21.43 18.82
N ARG A 112 14.05 20.27 18.28
CA ARG A 112 15.39 20.08 17.76
C ARG A 112 15.63 20.93 16.52
N LEU A 113 14.62 21.02 15.65
CA LEU A 113 14.74 21.81 14.44
C LEU A 113 14.88 23.30 14.80
N LYS A 114 14.13 23.71 15.81
CA LYS A 114 14.17 25.11 16.24
C LYS A 114 15.52 25.42 16.87
N GLU A 115 15.97 24.51 17.72
CA GLU A 115 17.25 24.65 18.40
C GLU A 115 18.40 24.67 17.39
N ASN A 116 18.23 23.91 16.31
CA ASN A 116 19.24 23.83 15.27
C ASN A 116 19.17 24.96 14.25
N GLY A 117 18.24 25.89 14.45
CA GLY A 117 18.10 27.02 13.56
C GLY A 117 17.39 26.76 12.23
N PHE A 118 16.56 25.72 12.19
CA PHE A 118 15.85 25.39 10.96
C PHE A 118 14.40 25.86 10.95
N ILE A 119 14.01 26.64 11.94
CA ILE A 119 12.65 27.16 12.02
C ILE A 119 12.65 28.68 11.92
N LYS A 120 11.95 29.21 10.93
CA LYS A 120 11.89 30.65 10.73
C LYS A 120 10.47 31.19 10.95
N ASN A 121 10.38 32.39 11.54
CA ASN A 121 9.09 33.03 11.79
C ASN A 121 8.79 34.00 10.66
N ARG A 122 7.58 33.93 10.13
CA ARG A 122 7.19 34.79 9.02
C ARG A 122 5.70 35.13 9.07
N THR A 123 5.38 36.39 8.79
CA THR A 123 3.98 36.82 8.78
C THR A 123 3.38 36.68 7.39
N ILE A 124 2.19 36.10 7.33
CA ILE A 124 1.51 35.92 6.04
C ILE A 124 0.10 36.48 6.08
N SER A 125 -0.46 36.70 4.89
CA SER A 125 -1.81 37.22 4.73
C SER A 125 -2.66 36.10 4.13
N GLN A 126 -3.85 35.88 4.68
CA GLN A 126 -4.71 34.81 4.19
C GLN A 126 -6.20 35.14 4.39
N LEU A 127 -7.04 34.63 3.51
CA LEU A 127 -8.48 34.85 3.62
C LEU A 127 -8.94 34.35 4.98
N TYR A 128 -9.76 35.15 5.65
CA TYR A 128 -10.25 34.83 6.98
C TYR A 128 -11.77 35.01 7.08
N ASP A 129 -12.44 34.03 7.70
CA ASP A 129 -13.88 34.07 7.91
C ASP A 129 -14.09 34.73 9.27
N PRO A 130 -14.52 36.00 9.29
CA PRO A 130 -14.77 36.73 10.54
C PRO A 130 -15.96 36.27 11.36
N GLU A 131 -16.91 35.62 10.69
CA GLU A 131 -18.11 35.12 11.37
C GLU A 131 -17.77 33.83 12.10
N LYS A 132 -17.23 32.87 11.36
CA LYS A 132 -16.83 31.59 11.94
C LYS A 132 -15.59 31.82 12.82
N GLY A 133 -14.77 32.78 12.39
CA GLY A 133 -13.55 33.09 13.13
C GLY A 133 -12.43 32.11 12.86
N MET A 134 -12.12 31.89 11.58
CA MET A 134 -11.06 30.96 11.20
C MET A 134 -10.49 31.30 9.84
N PHE A 135 -9.21 31.00 9.63
CA PHE A 135 -8.60 31.24 8.33
C PHE A 135 -9.17 30.16 7.42
N LEU A 136 -9.37 30.52 6.16
CA LEU A 136 -9.96 29.58 5.20
C LEU A 136 -8.99 29.00 4.18
N PRO A 137 -8.89 27.68 4.09
CA PRO A 137 -7.99 27.09 3.10
C PRO A 137 -8.64 27.42 1.76
N ASP A 138 -7.88 27.39 0.68
CA ASP A 138 -8.44 27.71 -0.64
C ASP A 138 -9.76 27.00 -0.98
N ARG A 139 -9.82 25.69 -0.79
CA ARG A 139 -11.01 24.92 -1.10
C ARG A 139 -12.26 25.33 -0.34
N PHE A 140 -12.09 26.10 0.73
CA PHE A 140 -13.25 26.54 1.51
C PHE A 140 -13.65 27.98 1.22
N VAL A 141 -13.25 28.45 0.05
CA VAL A 141 -13.58 29.80 -0.40
C VAL A 141 -14.22 29.64 -1.77
N LYS A 142 -15.43 30.18 -1.93
CA LYS A 142 -16.10 30.08 -3.21
C LYS A 142 -16.51 31.47 -3.68
N GLY A 143 -16.74 31.61 -4.98
CA GLY A 143 -17.12 32.89 -5.52
C GLY A 143 -17.28 32.84 -7.02
N THR A 144 -17.27 34.01 -7.65
CA THR A 144 -17.43 34.12 -9.09
C THR A 144 -16.09 34.25 -9.81
N CYS A 145 -15.89 33.43 -10.83
CA CYS A 145 -14.65 33.44 -11.59
C CYS A 145 -14.37 34.83 -12.17
N PRO A 146 -13.16 35.36 -11.92
CA PRO A 146 -12.75 36.67 -12.40
C PRO A 146 -12.73 36.80 -13.92
N LYS A 147 -12.46 35.69 -14.60
CA LYS A 147 -12.36 35.68 -16.05
C LYS A 147 -13.70 35.56 -16.79
N CYS A 148 -14.38 34.42 -16.62
CA CYS A 148 -15.65 34.20 -17.31
C CYS A 148 -16.88 34.64 -16.54
N LYS A 149 -16.70 34.99 -15.28
CA LYS A 149 -17.80 35.45 -14.43
C LYS A 149 -18.79 34.35 -14.04
N SER A 150 -18.39 33.09 -14.18
CA SER A 150 -19.25 31.97 -13.80
C SER A 150 -19.34 31.92 -12.27
N PRO A 151 -20.55 31.79 -11.73
CA PRO A 151 -20.74 31.72 -10.27
C PRO A 151 -20.45 30.38 -9.65
N ASP A 152 -20.40 30.36 -8.32
CA ASP A 152 -20.17 29.16 -7.53
C ASP A 152 -18.91 28.35 -7.83
N GLN A 153 -17.78 29.03 -8.04
CA GLN A 153 -16.53 28.35 -8.29
C GLN A 153 -15.77 28.23 -6.98
N TYR A 154 -15.02 27.14 -6.82
CA TYR A 154 -14.28 26.91 -5.60
C TYR A 154 -12.76 26.97 -5.73
N GLY A 155 -12.11 27.46 -4.67
CA GLY A 155 -10.67 27.53 -4.65
C GLY A 155 -9.96 28.41 -5.67
N ASP A 156 -8.84 27.91 -6.17
CA ASP A 156 -8.02 28.64 -7.12
C ASP A 156 -8.26 28.36 -8.60
N ASN A 157 -9.37 27.70 -8.92
CA ASN A 157 -9.65 27.41 -10.32
C ASN A 157 -11.13 27.37 -10.66
N CYS A 158 -11.44 27.66 -11.92
CA CYS A 158 -12.81 27.66 -12.41
C CYS A 158 -13.07 26.39 -13.23
N GLU A 159 -14.15 25.70 -12.91
CA GLU A 159 -14.51 24.47 -13.60
C GLU A 159 -15.28 24.71 -14.88
N VAL A 160 -15.45 25.98 -15.25
CA VAL A 160 -16.16 26.31 -16.48
C VAL A 160 -15.18 26.72 -17.56
N CYS A 161 -14.39 27.76 -17.32
CA CYS A 161 -13.42 28.21 -18.32
C CYS A 161 -12.03 27.63 -18.09
N GLY A 162 -11.84 27.00 -16.94
CA GLY A 162 -10.57 26.38 -16.63
C GLY A 162 -9.46 27.31 -16.17
N ALA A 163 -9.78 28.59 -15.97
CA ALA A 163 -8.78 29.55 -15.53
C ALA A 163 -8.32 29.27 -14.10
N THR A 164 -7.08 29.65 -13.80
CA THR A 164 -6.53 29.47 -12.46
C THR A 164 -6.25 30.85 -11.90
N TYR A 165 -6.32 30.98 -10.57
CA TYR A 165 -6.11 32.27 -9.95
C TYR A 165 -6.13 32.16 -8.43
N SER A 166 -5.68 33.21 -7.75
CA SER A 166 -5.69 33.21 -6.30
C SER A 166 -7.14 33.44 -5.87
N PRO A 167 -7.60 32.73 -4.84
CA PRO A 167 -8.98 32.90 -4.37
C PRO A 167 -9.29 34.36 -4.02
N THR A 168 -8.23 35.15 -3.84
CA THR A 168 -8.40 36.56 -3.51
C THR A 168 -8.89 37.32 -4.74
N GLU A 169 -8.87 36.64 -5.88
CA GLU A 169 -9.31 37.24 -7.13
C GLU A 169 -10.77 36.92 -7.41
N LEU A 170 -11.34 36.00 -6.65
CA LEU A 170 -12.75 35.63 -6.82
C LEU A 170 -13.65 36.83 -6.60
N ILE A 171 -14.67 36.95 -7.44
CA ILE A 171 -15.64 38.04 -7.34
C ILE A 171 -16.70 37.66 -6.32
N GLU A 172 -17.01 38.57 -5.40
CA GLU A 172 -17.99 38.31 -4.37
C GLU A 172 -17.69 37.02 -3.63
N PRO A 173 -16.50 36.93 -3.00
CA PRO A 173 -16.07 35.74 -2.26
C PRO A 173 -17.02 35.40 -1.11
N LYS A 174 -17.15 34.11 -0.82
CA LYS A 174 -18.02 33.64 0.24
C LYS A 174 -17.39 32.46 0.95
N SER A 175 -17.51 32.44 2.27
CA SER A 175 -16.96 31.33 3.04
C SER A 175 -17.87 30.11 2.84
N VAL A 176 -17.26 28.99 2.49
CA VAL A 176 -18.01 27.76 2.28
C VAL A 176 -18.53 27.27 3.63
N VAL A 177 -17.89 27.72 4.70
CA VAL A 177 -18.28 27.30 6.04
C VAL A 177 -19.49 28.03 6.61
N SER A 178 -19.49 29.37 6.49
CA SER A 178 -20.58 30.16 7.05
C SER A 178 -21.36 31.01 6.03
N GLY A 179 -20.78 31.20 4.86
CA GLY A 179 -21.45 32.01 3.84
C GLY A 179 -21.11 33.48 4.00
N ALA A 180 -20.35 33.83 5.03
CA ALA A 180 -19.98 35.22 5.25
C ALA A 180 -18.85 35.62 4.31
N THR A 181 -18.72 36.92 4.05
CA THR A 181 -17.66 37.41 3.17
C THR A 181 -16.33 37.39 3.91
N PRO A 182 -15.34 36.65 3.36
CA PRO A 182 -14.02 36.57 3.99
C PRO A 182 -13.19 37.83 3.76
N VAL A 183 -12.24 38.08 4.65
CA VAL A 183 -11.37 39.24 4.54
C VAL A 183 -9.91 38.82 4.71
N MET A 184 -8.99 39.64 4.23
CA MET A 184 -7.57 39.35 4.35
C MET A 184 -7.12 39.63 5.79
N ARG A 185 -6.43 38.67 6.40
CA ARG A 185 -5.97 38.82 7.77
C ARG A 185 -4.53 38.31 7.89
N ASP A 186 -3.73 39.00 8.71
CA ASP A 186 -2.33 38.61 8.92
C ASP A 186 -2.17 37.63 10.07
N SER A 187 -1.12 36.82 10.01
CA SER A 187 -0.83 35.85 11.06
C SER A 187 0.60 35.37 10.98
N GLU A 188 1.25 35.21 12.13
CA GLU A 188 2.62 34.73 12.14
C GLU A 188 2.65 33.22 12.01
N HIS A 189 3.43 32.73 11.06
CA HIS A 189 3.57 31.30 10.84
C HIS A 189 5.02 30.88 11.03
N PHE A 190 5.22 29.59 11.27
CA PHE A 190 6.56 29.04 11.47
C PHE A 190 6.89 28.19 10.25
N PHE A 191 8.05 28.45 9.65
CA PHE A 191 8.47 27.73 8.46
C PHE A 191 9.71 26.87 8.67
N PHE A 192 9.75 25.72 8.00
CA PHE A 192 10.89 24.83 8.09
C PHE A 192 11.82 25.21 6.94
N ASP A 193 13.09 25.48 7.27
CA ASP A 193 14.07 25.91 6.27
C ASP A 193 14.62 24.78 5.40
N LEU A 194 13.75 24.23 4.56
CA LEU A 194 14.14 23.14 3.67
C LEU A 194 15.34 23.49 2.77
N PRO A 195 15.41 24.74 2.29
CA PRO A 195 16.54 25.12 1.43
C PRO A 195 17.92 24.83 2.03
N SER A 196 18.01 24.85 3.35
CA SER A 196 19.27 24.58 4.03
C SER A 196 19.80 23.17 3.77
N PHE A 197 18.92 22.25 3.37
CA PHE A 197 19.32 20.88 3.12
C PHE A 197 19.48 20.52 1.64
N SER A 198 19.49 21.54 0.79
CA SER A 198 19.62 21.34 -0.65
C SER A 198 20.78 20.45 -1.09
N GLU A 199 21.99 20.74 -0.64
CA GLU A 199 23.14 19.94 -1.04
C GLU A 199 23.05 18.49 -0.56
N MET A 200 22.60 18.30 0.67
CA MET A 200 22.46 16.96 1.22
C MET A 200 21.45 16.16 0.40
N LEU A 201 20.34 16.80 0.04
CA LEU A 201 19.30 16.15 -0.74
C LEU A 201 19.75 15.84 -2.16
N GLN A 202 20.52 16.74 -2.76
CA GLN A 202 20.99 16.51 -4.12
C GLN A 202 21.92 15.31 -4.18
N ALA A 203 22.70 15.12 -3.12
CA ALA A 203 23.63 13.99 -3.07
C ALA A 203 22.85 12.68 -3.00
N TRP A 204 21.79 12.65 -2.20
CA TRP A 204 20.99 11.44 -2.09
C TRP A 204 20.38 11.06 -3.43
N THR A 205 19.89 12.08 -4.15
CA THR A 205 19.27 11.89 -5.44
C THR A 205 20.20 11.21 -6.45
N ARG A 206 21.47 11.60 -6.45
CA ARG A 206 22.44 11.04 -7.38
C ARG A 206 23.15 9.79 -6.86
N SER A 207 22.76 9.32 -5.68
CA SER A 207 23.38 8.15 -5.09
C SER A 207 23.03 6.87 -5.84
N GLY A 208 21.89 6.88 -6.52
CA GLY A 208 21.47 5.71 -7.28
C GLY A 208 20.55 4.76 -6.54
N ALA A 209 20.15 5.14 -5.32
CA ALA A 209 19.26 4.30 -4.53
C ALA A 209 17.83 4.42 -5.04
N LEU A 210 17.37 5.67 -5.19
CA LEU A 210 16.01 5.94 -5.66
C LEU A 210 15.78 5.46 -7.09
N GLN A 211 14.51 5.28 -7.42
CA GLN A 211 14.13 4.87 -8.77
C GLN A 211 14.56 5.95 -9.75
N GLU A 212 15.00 5.53 -10.93
CA GLU A 212 15.45 6.43 -11.97
C GLU A 212 14.44 7.56 -12.26
N GLN A 213 13.16 7.20 -12.40
CA GLN A 213 12.13 8.18 -12.69
C GLN A 213 11.96 9.19 -11.56
N VAL A 214 12.17 8.74 -10.33
CA VAL A 214 12.05 9.63 -9.18
C VAL A 214 13.21 10.62 -9.16
N ALA A 215 14.42 10.11 -9.31
CA ALA A 215 15.60 10.96 -9.32
C ALA A 215 15.46 12.04 -10.39
N ASN A 216 14.94 11.65 -11.55
CA ASN A 216 14.74 12.58 -12.66
C ASN A 216 13.78 13.70 -12.24
N LYS A 217 12.70 13.32 -11.58
CA LYS A 217 11.71 14.29 -11.13
C LYS A 217 12.32 15.26 -10.13
N MET A 218 13.12 14.72 -9.21
CA MET A 218 13.76 15.55 -8.20
C MET A 218 14.64 16.62 -8.82
N GLN A 219 15.30 16.30 -9.93
CA GLN A 219 16.14 17.28 -10.60
C GLN A 219 15.29 18.46 -11.05
N GLU A 220 14.04 18.20 -11.41
CA GLU A 220 13.14 19.25 -11.83
C GLU A 220 12.82 20.16 -10.65
N TRP A 221 12.64 19.55 -9.47
CA TRP A 221 12.34 20.31 -8.28
C TRP A 221 13.53 21.16 -7.81
N PHE A 222 14.74 20.64 -7.94
CA PHE A 222 15.92 21.39 -7.54
C PHE A 222 16.09 22.57 -8.51
N GLU A 223 15.78 22.33 -9.78
CA GLU A 223 15.88 23.35 -10.81
C GLU A 223 14.92 24.50 -10.47
N SER A 224 13.70 24.14 -10.09
CA SER A 224 12.71 25.15 -9.73
C SER A 224 13.17 25.89 -8.47
N GLY A 225 13.87 25.17 -7.60
CA GLY A 225 14.36 25.77 -6.37
C GLY A 225 13.53 25.41 -5.17
N LEU A 226 14.18 24.93 -4.11
CA LEU A 226 13.47 24.56 -2.89
C LEU A 226 13.03 25.82 -2.15
N GLN A 227 11.86 25.74 -1.53
CA GLN A 227 11.32 26.86 -0.77
C GLN A 227 11.13 26.45 0.68
N GLN A 228 10.91 27.42 1.55
CA GLN A 228 10.68 27.11 2.95
C GLN A 228 9.25 26.60 3.02
N TRP A 229 8.98 25.71 3.97
CA TRP A 229 7.64 25.15 4.11
C TRP A 229 6.95 25.55 5.39
N ASP A 230 5.72 26.02 5.24
CA ASP A 230 4.91 26.44 6.37
C ASP A 230 4.50 25.18 7.14
N ILE A 231 4.84 25.13 8.43
CA ILE A 231 4.49 23.96 9.24
C ILE A 231 3.57 24.32 10.41
N SER A 232 2.93 25.48 10.33
CA SER A 232 2.03 25.91 11.39
C SER A 232 0.64 26.28 10.87
N ARG A 233 -0.34 26.21 11.76
CA ARG A 233 -1.72 26.53 11.45
C ARG A 233 -2.34 27.19 12.68
N ASP A 234 -3.23 28.16 12.45
CA ASP A 234 -3.89 28.84 13.55
C ASP A 234 -5.13 28.12 14.02
N ALA A 235 -5.48 28.33 15.28
CA ALA A 235 -6.69 27.74 15.84
C ALA A 235 -7.82 28.51 15.15
N PRO A 236 -9.00 27.90 15.00
CA PRO A 236 -9.36 26.55 15.43
C PRO A 236 -8.71 25.50 14.54
N TYR A 237 -8.26 24.39 15.14
CA TYR A 237 -7.63 23.33 14.37
C TYR A 237 -7.72 22.02 15.14
N PHE A 238 -7.65 20.92 14.40
CA PHE A 238 -7.66 19.60 15.04
C PHE A 238 -6.27 19.03 14.81
N GLY A 239 -5.45 19.12 15.85
CA GLY A 239 -4.09 18.62 15.77
C GLY A 239 -3.30 18.92 17.03
N PHE A 240 -1.99 18.96 16.90
CA PHE A 240 -1.09 19.21 18.03
C PHE A 240 -0.72 20.67 18.22
N GLU A 241 -0.87 21.17 19.45
CA GLU A 241 -0.53 22.56 19.75
C GLU A 241 0.99 22.71 19.78
N ILE A 242 1.48 23.85 19.31
CA ILE A 242 2.91 24.10 19.28
C ILE A 242 3.37 24.65 20.63
N PRO A 243 4.35 24.00 21.26
CA PRO A 243 4.84 24.48 22.56
C PRO A 243 5.32 25.93 22.49
N ASN A 244 5.01 26.70 23.52
CA ASN A 244 5.42 28.10 23.59
C ASN A 244 4.74 29.00 22.56
N ALA A 245 3.77 28.45 21.83
CA ALA A 245 3.08 29.24 20.81
C ALA A 245 1.56 29.14 20.89
N PRO A 246 0.96 29.80 21.89
CA PRO A 246 -0.49 29.80 22.09
C PRO A 246 -1.29 30.09 20.82
N GLY A 247 -2.29 29.25 20.55
CA GLY A 247 -3.12 29.45 19.37
C GLY A 247 -2.54 28.91 18.07
N LYS A 248 -1.33 28.35 18.13
CA LYS A 248 -0.68 27.80 16.94
C LYS A 248 -0.58 26.28 17.02
N TYR A 249 -0.78 25.62 15.87
CA TYR A 249 -0.72 24.16 15.80
C TYR A 249 0.23 23.70 14.71
N PHE A 250 0.71 22.47 14.83
CA PHE A 250 1.59 21.92 13.80
C PHE A 250 0.71 21.58 12.59
N TYR A 251 1.13 22.04 11.42
CA TYR A 251 0.40 21.75 10.20
C TYR A 251 0.48 20.24 10.03
N VAL A 252 -0.62 19.65 9.55
CA VAL A 252 -0.70 18.21 9.38
C VAL A 252 0.50 17.54 8.73
N TRP A 253 1.05 18.14 7.67
CA TRP A 253 2.19 17.53 7.00
C TRP A 253 3.48 17.49 7.83
N LEU A 254 3.48 18.20 8.96
CA LEU A 254 4.64 18.16 9.83
C LEU A 254 4.51 16.90 10.67
N ASP A 255 3.32 16.71 11.25
CA ASP A 255 3.09 15.56 12.12
C ASP A 255 2.74 14.25 11.41
N ALA A 256 2.29 14.33 10.16
CA ALA A 256 1.92 13.12 9.42
C ALA A 256 3.02 12.06 9.28
N PRO A 257 4.16 12.39 8.67
CA PRO A 257 5.21 11.37 8.55
C PRO A 257 5.79 10.97 9.90
N ILE A 258 5.73 11.87 10.87
CA ILE A 258 6.24 11.54 12.19
C ILE A 258 5.38 10.39 12.71
N GLY A 259 4.20 10.24 12.11
CA GLY A 259 3.29 9.16 12.48
C GLY A 259 3.90 7.80 12.21
N TYR A 260 4.82 7.73 11.24
CA TYR A 260 5.51 6.47 10.92
C TYR A 260 6.28 6.09 12.18
N MET A 261 6.94 7.08 12.77
CA MET A 261 7.72 6.90 13.98
C MET A 261 6.81 6.62 15.17
N GLY A 262 5.74 7.41 15.29
CA GLY A 262 4.82 7.21 16.39
C GLY A 262 4.21 5.82 16.41
N SER A 263 3.89 5.30 15.23
CA SER A 263 3.30 3.97 15.14
C SER A 263 4.31 2.92 15.58
N PHE A 264 5.58 3.10 15.21
CA PHE A 264 6.58 2.13 15.61
C PHE A 264 6.87 2.22 17.11
N LYS A 265 6.90 3.45 17.65
CA LYS A 265 7.14 3.61 19.08
C LYS A 265 6.00 2.94 19.84
N ASN A 266 4.77 3.12 19.35
CA ASN A 266 3.60 2.51 19.98
C ASN A 266 3.75 0.99 20.00
N LEU A 267 4.18 0.42 18.88
CA LEU A 267 4.38 -1.02 18.79
C LEU A 267 5.42 -1.49 19.80
N CYS A 268 6.55 -0.78 19.86
CA CYS A 268 7.61 -1.15 20.79
C CYS A 268 7.11 -1.06 22.22
N ASP A 269 6.44 0.04 22.55
CA ASP A 269 5.92 0.23 23.89
C ASP A 269 4.93 -0.85 24.29
N LYS A 270 4.08 -1.28 23.36
CA LYS A 270 3.12 -2.32 23.67
C LYS A 270 3.79 -3.67 23.88
N ARG A 271 4.91 -3.88 23.20
CA ARG A 271 5.67 -5.12 23.33
C ARG A 271 6.59 -5.12 24.54
N GLY A 272 6.73 -3.96 25.18
CA GLY A 272 7.60 -3.86 26.33
C GLY A 272 9.05 -3.85 25.87
N ASP A 273 9.24 -3.48 24.60
CA ASP A 273 10.56 -3.43 23.97
C ASP A 273 11.12 -2.02 24.15
N SER A 274 12.15 -1.90 24.96
CA SER A 274 12.74 -0.59 25.24
C SER A 274 13.99 -0.24 24.43
N VAL A 275 14.37 -1.10 23.50
CA VAL A 275 15.57 -0.81 22.73
C VAL A 275 15.38 -0.67 21.22
N SER A 276 14.38 -1.34 20.67
CA SER A 276 14.16 -1.30 19.22
C SER A 276 13.88 0.04 18.58
N PHE A 277 13.16 0.94 19.25
CA PHE A 277 12.88 2.22 18.63
C PHE A 277 14.20 2.93 18.25
N ASP A 278 15.08 3.07 19.23
CA ASP A 278 16.36 3.72 18.96
C ASP A 278 17.21 2.93 17.95
N GLU A 279 17.15 1.60 18.03
CA GLU A 279 17.92 0.78 17.09
C GLU A 279 17.50 1.01 15.65
N TYR A 280 16.23 1.39 15.45
CA TYR A 280 15.72 1.62 14.11
C TYR A 280 15.77 3.08 13.65
N TRP A 281 15.69 4.00 14.59
CA TRP A 281 15.66 5.40 14.22
C TRP A 281 16.86 6.29 14.51
N LYS A 282 17.80 5.79 15.33
CA LYS A 282 19.00 6.56 15.64
C LYS A 282 19.83 6.68 14.37
N LYS A 283 20.66 7.71 14.28
CA LYS A 283 21.48 7.93 13.08
C LYS A 283 22.43 6.79 12.74
N ASP A 284 22.89 6.06 13.75
CA ASP A 284 23.82 4.96 13.55
C ASP A 284 23.13 3.61 13.35
N SER A 285 21.84 3.64 13.02
CA SER A 285 21.08 2.41 12.83
C SER A 285 21.59 1.54 11.69
N THR A 286 21.57 0.23 11.91
CA THR A 286 21.98 -0.72 10.87
C THR A 286 20.72 -1.37 10.31
N ALA A 287 19.57 -0.88 10.75
CA ALA A 287 18.28 -1.39 10.27
C ALA A 287 17.94 -0.65 8.98
N GLU A 288 17.09 -1.26 8.17
CA GLU A 288 16.69 -0.66 6.91
C GLU A 288 15.28 -0.08 7.05
N LEU A 289 15.07 1.09 6.45
CA LEU A 289 13.79 1.79 6.48
C LEU A 289 13.28 2.04 5.07
N TYR A 290 12.10 1.51 4.76
CA TYR A 290 11.51 1.66 3.44
C TYR A 290 10.10 2.21 3.48
N HIS A 291 9.82 3.15 2.57
CA HIS A 291 8.50 3.75 2.47
C HIS A 291 7.89 3.44 1.12
N PHE A 292 6.72 2.79 1.11
CA PHE A 292 6.02 2.52 -0.15
C PHE A 292 5.06 3.70 -0.27
N ILE A 293 5.15 4.43 -1.37
CA ILE A 293 4.31 5.61 -1.58
C ILE A 293 3.87 5.76 -3.03
N GLY A 294 2.89 6.65 -3.24
CA GLY A 294 2.38 6.92 -4.58
C GLY A 294 3.05 8.16 -5.15
N LYS A 295 2.85 8.41 -6.44
CA LYS A 295 3.45 9.55 -7.13
C LYS A 295 3.15 10.95 -6.59
N ASP A 296 1.93 11.16 -6.08
CA ASP A 296 1.55 12.46 -5.58
C ASP A 296 2.24 12.92 -4.29
N ILE A 297 2.97 12.03 -3.63
CA ILE A 297 3.63 12.42 -2.38
C ILE A 297 5.13 12.17 -2.38
N VAL A 298 5.73 12.11 -3.56
CA VAL A 298 7.15 11.88 -3.70
C VAL A 298 7.97 13.10 -3.29
N TYR A 299 7.52 14.28 -3.68
CA TYR A 299 8.21 15.51 -3.32
C TYR A 299 8.38 15.53 -1.80
N PHE A 300 7.27 15.28 -1.11
CA PHE A 300 7.24 15.29 0.34
C PHE A 300 8.18 14.26 0.99
N HIS A 301 8.11 13.01 0.53
CA HIS A 301 8.95 11.96 1.09
C HIS A 301 10.43 11.99 0.71
N SER A 302 10.74 12.62 -0.43
CA SER A 302 12.11 12.67 -0.89
C SER A 302 12.88 13.94 -0.54
N LEU A 303 12.17 15.01 -0.21
CA LEU A 303 12.83 16.27 0.13
C LEU A 303 12.53 16.74 1.55
N PHE A 304 11.27 17.05 1.83
CA PHE A 304 10.89 17.53 3.16
C PHE A 304 11.19 16.56 4.30
N TRP A 305 10.75 15.31 4.14
CA TRP A 305 10.92 14.27 5.16
C TRP A 305 12.38 13.98 5.54
N PRO A 306 13.24 13.65 4.55
CA PRO A 306 14.64 13.37 4.90
C PRO A 306 15.31 14.58 5.55
N ALA A 307 14.92 15.76 5.10
CA ALA A 307 15.50 16.99 5.64
C ALA A 307 15.10 17.17 7.10
N MET A 308 13.84 16.85 7.40
CA MET A 308 13.35 16.98 8.77
C MET A 308 14.06 15.99 9.70
N LEU A 309 14.28 14.76 9.21
CA LEU A 309 14.95 13.74 10.00
C LEU A 309 16.40 14.16 10.27
N GLU A 310 17.07 14.64 9.22
CA GLU A 310 18.44 15.10 9.31
C GLU A 310 18.56 16.20 10.36
N GLY A 311 17.68 17.19 10.26
CA GLY A 311 17.69 18.31 11.17
C GLY A 311 17.35 17.98 12.61
N SER A 312 16.74 16.82 12.85
CA SER A 312 16.38 16.42 14.20
C SER A 312 17.20 15.23 14.69
N ASN A 313 18.32 14.99 14.04
CA ASN A 313 19.25 13.92 14.42
C ASN A 313 18.71 12.49 14.36
N PHE A 314 17.91 12.19 13.34
CA PHE A 314 17.38 10.83 13.16
C PHE A 314 17.86 10.30 11.82
N ARG A 315 17.86 8.98 11.65
CA ARG A 315 18.30 8.38 10.40
C ARG A 315 17.27 8.68 9.31
N LYS A 316 17.70 8.57 8.06
CA LYS A 316 16.84 8.84 6.92
C LYS A 316 16.41 7.54 6.22
N PRO A 317 15.42 7.62 5.32
CA PRO A 317 14.96 6.42 4.62
C PRO A 317 16.08 5.72 3.84
N SER A 318 16.10 4.40 3.87
CA SER A 318 17.10 3.64 3.13
C SER A 318 16.70 3.75 1.66
N ASN A 319 15.40 3.74 1.41
CA ASN A 319 14.91 3.89 0.05
C ASN A 319 13.42 4.21 0.03
N LEU A 320 12.98 4.75 -1.10
CA LEU A 320 11.57 5.06 -1.31
C LEU A 320 11.13 4.19 -2.48
N PHE A 321 10.00 3.50 -2.32
CA PHE A 321 9.47 2.62 -3.35
C PHE A 321 8.19 3.26 -3.86
N VAL A 322 8.27 3.87 -5.04
CA VAL A 322 7.12 4.56 -5.63
C VAL A 322 6.38 3.78 -6.71
N HIS A 323 5.05 3.79 -6.62
CA HIS A 323 4.20 3.10 -7.60
C HIS A 323 3.36 4.16 -8.30
N GLY A 324 2.77 3.80 -9.44
CA GLY A 324 1.94 4.74 -10.18
C GLY A 324 0.49 4.72 -9.72
N TYR A 325 -0.37 5.37 -10.49
CA TYR A 325 -1.80 5.42 -10.17
C TYR A 325 -2.49 4.16 -10.64
N VAL A 326 -3.70 3.95 -10.15
CA VAL A 326 -4.50 2.80 -10.57
C VAL A 326 -5.55 3.36 -11.52
N THR A 327 -5.77 2.65 -12.62
CA THR A 327 -6.81 3.05 -13.56
C THR A 327 -7.71 1.82 -13.68
N VAL A 328 -8.95 2.04 -14.08
CA VAL A 328 -9.88 0.93 -14.26
C VAL A 328 -10.37 1.04 -15.69
N ASN A 329 -10.19 -0.04 -16.46
CA ASN A 329 -10.57 -0.07 -17.86
C ASN A 329 -9.83 1.03 -18.64
N GLY A 330 -8.60 1.30 -18.23
CA GLY A 330 -7.78 2.28 -18.92
C GLY A 330 -7.89 3.73 -18.50
N ALA A 331 -8.88 4.07 -17.68
CA ALA A 331 -9.03 5.46 -17.27
C ALA A 331 -9.08 5.64 -15.75
N LYS A 332 -8.92 6.88 -15.32
CA LYS A 332 -8.99 7.21 -13.90
C LYS A 332 -10.33 6.70 -13.41
N MET A 333 -10.40 6.21 -12.19
CA MET A 333 -11.66 5.71 -11.65
C MET A 333 -12.74 6.78 -11.85
N SER A 334 -13.90 6.34 -12.31
CA SER A 334 -15.04 7.21 -12.57
C SER A 334 -16.28 6.80 -11.79
N LYS A 335 -16.79 7.69 -10.96
CA LYS A 335 -17.97 7.42 -10.17
C LYS A 335 -19.20 7.13 -11.04
N SER A 336 -19.39 7.93 -12.10
CA SER A 336 -20.54 7.75 -12.97
C SER A 336 -20.52 6.42 -13.72
N ARG A 337 -19.33 5.91 -14.01
CA ARG A 337 -19.21 4.65 -14.74
C ARG A 337 -19.15 3.46 -13.78
N GLY A 338 -19.13 3.74 -12.48
CA GLY A 338 -19.08 2.68 -11.50
C GLY A 338 -17.70 2.05 -11.36
N THR A 339 -16.66 2.78 -11.78
CA THR A 339 -15.30 2.25 -11.65
C THR A 339 -14.55 2.82 -10.46
N PHE A 340 -15.22 3.68 -9.69
CA PHE A 340 -14.60 4.22 -8.47
C PHE A 340 -15.06 3.17 -7.47
N ILE A 341 -14.18 2.20 -7.22
CA ILE A 341 -14.50 1.08 -6.37
C ILE A 341 -13.85 1.08 -4.99
N LYS A 342 -14.68 0.97 -3.95
CA LYS A 342 -14.20 0.93 -2.58
C LYS A 342 -13.72 -0.47 -2.24
N ALA A 343 -12.76 -0.55 -1.32
CA ALA A 343 -12.21 -1.83 -0.90
C ALA A 343 -13.31 -2.70 -0.29
N SER A 344 -14.16 -2.12 0.53
CA SER A 344 -15.24 -2.87 1.15
C SER A 344 -16.21 -3.43 0.10
N THR A 345 -16.49 -2.63 -0.92
CA THR A 345 -17.40 -3.06 -1.98
C THR A 345 -16.82 -4.24 -2.76
N TRP A 346 -15.52 -4.13 -3.08
CA TRP A 346 -14.85 -5.19 -3.83
C TRP A 346 -15.04 -6.55 -3.16
N LEU A 347 -14.86 -6.59 -1.84
CA LEU A 347 -14.98 -7.84 -1.09
C LEU A 347 -16.39 -8.45 -1.10
N ASN A 348 -17.40 -7.64 -1.42
CA ASN A 348 -18.78 -8.13 -1.49
C ASN A 348 -18.96 -8.98 -2.73
N HIS A 349 -18.07 -8.77 -3.70
CA HIS A 349 -18.14 -9.45 -4.98
C HIS A 349 -17.05 -10.48 -5.28
N PHE A 350 -15.82 -10.17 -4.87
CA PHE A 350 -14.68 -11.05 -5.12
C PHE A 350 -13.87 -11.25 -3.86
N ASP A 351 -12.94 -12.20 -3.88
CA ASP A 351 -12.10 -12.39 -2.69
C ASP A 351 -10.89 -11.48 -2.81
N ALA A 352 -10.08 -11.44 -1.75
CA ALA A 352 -8.90 -10.59 -1.74
C ALA A 352 -7.79 -11.12 -2.66
N ASP A 353 -7.62 -12.43 -2.68
CA ASP A 353 -6.59 -13.05 -3.50
C ASP A 353 -6.67 -12.68 -4.99
N SER A 354 -7.88 -12.57 -5.52
CA SER A 354 -8.03 -12.25 -6.94
C SER A 354 -7.39 -10.92 -7.31
N LEU A 355 -7.69 -9.87 -6.53
CA LEU A 355 -7.12 -8.56 -6.80
C LEU A 355 -5.62 -8.56 -6.49
N ARG A 356 -5.22 -9.23 -5.42
CA ARG A 356 -3.81 -9.28 -5.06
C ARG A 356 -3.02 -9.86 -6.23
N TYR A 357 -3.52 -10.97 -6.78
CA TYR A 357 -2.84 -11.61 -7.89
C TYR A 357 -2.77 -10.70 -9.12
N TYR A 358 -3.91 -10.13 -9.51
CA TYR A 358 -3.96 -9.27 -10.68
C TYR A 358 -2.98 -8.11 -10.60
N TYR A 359 -3.00 -7.39 -9.47
CA TYR A 359 -2.10 -6.25 -9.27
C TYR A 359 -0.65 -6.72 -9.33
N THR A 360 -0.36 -7.82 -8.66
CA THR A 360 1.00 -8.36 -8.62
C THR A 360 1.49 -8.74 -10.02
N ALA A 361 0.61 -9.28 -10.84
CA ALA A 361 0.99 -9.69 -12.19
C ALA A 361 1.35 -8.49 -13.07
N LYS A 362 0.88 -7.30 -12.70
CA LYS A 362 1.15 -6.10 -13.48
C LYS A 362 2.19 -5.17 -12.89
N LEU A 363 2.52 -5.37 -11.60
CA LEU A 363 3.50 -4.52 -10.93
C LEU A 363 4.94 -4.76 -11.33
N SER A 364 5.75 -3.70 -11.26
CA SER A 364 7.17 -3.77 -11.57
C SER A 364 7.90 -2.79 -10.66
N SER A 365 9.19 -2.62 -10.89
CA SER A 365 10.01 -1.71 -10.08
C SER A 365 9.91 -0.27 -10.56
N ARG A 366 9.11 -0.03 -11.60
CA ARG A 366 8.95 1.31 -12.14
C ARG A 366 7.72 2.01 -11.55
N ILE A 367 7.56 3.30 -11.85
CA ILE A 367 6.43 4.05 -11.32
C ILE A 367 5.24 4.17 -12.28
N ASP A 368 5.17 3.27 -13.26
CA ASP A 368 4.09 3.28 -14.25
C ASP A 368 2.71 2.98 -13.65
N ASP A 369 1.67 3.55 -14.24
CA ASP A 369 0.31 3.32 -13.76
C ASP A 369 -0.06 1.85 -13.93
N ILE A 370 -0.95 1.36 -13.08
CA ILE A 370 -1.39 -0.02 -13.13
C ILE A 370 -2.85 -0.04 -13.52
N ASP A 371 -3.17 -0.73 -14.62
CA ASP A 371 -4.55 -0.77 -15.09
C ASP A 371 -5.31 -2.03 -14.73
N LEU A 372 -6.48 -1.84 -14.11
CA LEU A 372 -7.33 -2.96 -13.77
C LEU A 372 -8.39 -3.03 -14.85
N ASN A 373 -8.13 -3.86 -15.87
CA ASN A 373 -9.10 -4.04 -16.94
C ASN A 373 -9.99 -5.16 -16.43
N LEU A 374 -11.26 -4.84 -16.16
CA LEU A 374 -12.18 -5.83 -15.59
C LEU A 374 -12.38 -7.09 -16.42
N GLU A 375 -12.46 -6.94 -17.74
CA GLU A 375 -12.63 -8.09 -18.62
C GLU A 375 -11.39 -8.97 -18.49
N ASP A 376 -10.22 -8.34 -18.54
CA ASP A 376 -8.95 -9.07 -18.42
C ASP A 376 -8.82 -9.72 -17.06
N PHE A 377 -9.34 -9.05 -16.04
CA PHE A 377 -9.30 -9.55 -14.66
C PHE A 377 -9.94 -10.94 -14.61
N VAL A 378 -11.14 -11.06 -15.16
CA VAL A 378 -11.84 -12.33 -15.16
C VAL A 378 -11.04 -13.40 -15.90
N GLN A 379 -10.57 -13.05 -17.09
CA GLN A 379 -9.80 -13.99 -17.90
C GLN A 379 -8.50 -14.44 -17.23
N ARG A 380 -7.76 -13.49 -16.68
CA ARG A 380 -6.49 -13.79 -16.04
C ARG A 380 -6.60 -14.65 -14.79
N VAL A 381 -7.55 -14.33 -13.93
CA VAL A 381 -7.74 -15.09 -12.71
C VAL A 381 -8.13 -16.53 -13.05
N ASN A 382 -9.10 -16.69 -13.94
CA ASN A 382 -9.54 -18.03 -14.32
C ASN A 382 -8.44 -18.82 -15.01
N ALA A 383 -7.71 -18.16 -15.90
CA ALA A 383 -6.64 -18.80 -16.64
C ALA A 383 -5.44 -19.20 -15.80
N ASP A 384 -4.97 -18.28 -14.97
CA ASP A 384 -3.78 -18.51 -14.15
C ASP A 384 -3.99 -19.22 -12.82
N ILE A 385 -4.89 -18.71 -12.00
CA ILE A 385 -5.13 -19.31 -10.70
C ILE A 385 -5.89 -20.62 -10.79
N VAL A 386 -7.07 -20.58 -11.39
CA VAL A 386 -7.89 -21.78 -11.51
C VAL A 386 -7.33 -22.84 -12.45
N ASN A 387 -7.03 -22.46 -13.70
CA ASN A 387 -6.54 -23.43 -14.67
C ASN A 387 -5.08 -23.81 -14.77
N LYS A 388 -4.19 -23.03 -14.17
CA LYS A 388 -2.77 -23.37 -14.22
C LYS A 388 -2.26 -23.87 -12.88
N VAL A 389 -2.44 -23.08 -11.84
CA VAL A 389 -1.95 -23.46 -10.52
C VAL A 389 -2.85 -24.41 -9.74
N VAL A 390 -4.08 -23.99 -9.44
CA VAL A 390 -4.99 -24.83 -8.68
C VAL A 390 -5.29 -26.13 -9.42
N ASN A 391 -5.31 -26.07 -10.75
CA ASN A 391 -5.58 -27.24 -11.58
C ASN A 391 -4.64 -28.39 -11.25
N LEU A 392 -3.37 -28.04 -11.04
CA LEU A 392 -2.34 -29.02 -10.72
C LEU A 392 -2.72 -29.86 -9.50
N ALA A 393 -3.40 -29.24 -8.55
CA ALA A 393 -3.81 -29.95 -7.34
C ALA A 393 -5.14 -30.68 -7.57
N SER A 394 -6.12 -29.95 -8.09
CA SER A 394 -7.44 -30.54 -8.32
C SER A 394 -7.49 -31.70 -9.30
N ARG A 395 -6.60 -31.73 -10.28
CA ARG A 395 -6.61 -32.82 -11.26
C ARG A 395 -5.91 -34.07 -10.75
N ASN A 396 -5.12 -33.93 -9.68
CA ASN A 396 -4.37 -35.05 -9.13
C ASN A 396 -4.79 -35.56 -7.74
N ALA A 397 -5.31 -34.65 -6.91
CA ALA A 397 -5.73 -34.99 -5.55
C ALA A 397 -6.76 -36.12 -5.45
N GLY A 398 -7.74 -36.13 -6.37
CA GLY A 398 -8.76 -37.15 -6.35
C GLY A 398 -8.24 -38.57 -6.37
N PHE A 399 -7.37 -38.87 -7.32
CA PHE A 399 -6.80 -40.21 -7.43
C PHE A 399 -6.01 -40.60 -6.19
N ILE A 400 -5.24 -39.65 -5.66
CA ILE A 400 -4.44 -39.93 -4.48
C ILE A 400 -5.34 -40.27 -3.29
N ASN A 401 -6.35 -39.45 -3.05
CA ASN A 401 -7.26 -39.67 -1.93
C ASN A 401 -8.12 -40.92 -2.08
N LYS A 402 -8.66 -41.14 -3.27
CA LYS A 402 -9.54 -42.30 -3.50
C LYS A 402 -8.87 -43.63 -3.79
N ARG A 403 -7.76 -43.61 -4.51
CA ARG A 403 -7.07 -44.84 -4.86
C ARG A 403 -5.88 -45.19 -3.97
N PHE A 404 -5.30 -44.19 -3.30
CA PHE A 404 -4.14 -44.47 -2.47
C PHE A 404 -4.18 -43.99 -1.01
N ASP A 405 -5.39 -43.90 -0.47
CA ASP A 405 -5.56 -43.50 0.93
C ASP A 405 -4.91 -42.18 1.29
N GLY A 406 -4.78 -41.29 0.30
CA GLY A 406 -4.19 -39.98 0.53
C GLY A 406 -2.68 -39.97 0.65
N VAL A 407 -2.03 -41.08 0.35
CA VAL A 407 -0.58 -41.15 0.48
C VAL A 407 0.17 -40.90 -0.84
N LEU A 408 1.11 -39.96 -0.81
CA LEU A 408 1.91 -39.64 -1.99
C LEU A 408 3.02 -40.67 -2.15
N ALA A 409 3.48 -40.85 -3.39
CA ALA A 409 4.52 -41.81 -3.70
C ALA A 409 5.80 -41.63 -2.88
N SER A 410 6.58 -42.70 -2.74
CA SER A 410 7.81 -42.65 -1.96
C SER A 410 8.99 -41.98 -2.67
N GLU A 411 8.87 -41.80 -3.99
CA GLU A 411 9.93 -41.13 -4.75
C GLU A 411 9.33 -40.24 -5.83
N LEU A 412 10.11 -39.26 -6.28
CA LEU A 412 9.68 -38.35 -7.34
C LEU A 412 9.70 -39.11 -8.67
N ALA A 413 8.62 -39.00 -9.43
CA ALA A 413 8.55 -39.67 -10.73
C ALA A 413 9.55 -39.05 -11.71
N ASP A 414 9.73 -37.73 -11.62
CA ASP A 414 10.64 -37.01 -12.52
C ASP A 414 11.51 -36.02 -11.73
N PRO A 415 12.58 -36.53 -11.11
CA PRO A 415 13.51 -35.70 -10.31
C PRO A 415 14.11 -34.55 -11.10
N GLN A 416 14.36 -34.78 -12.38
CA GLN A 416 14.96 -33.76 -13.24
C GLN A 416 14.03 -32.56 -13.38
N LEU A 417 12.75 -32.85 -13.61
CA LEU A 417 11.77 -31.78 -13.75
C LEU A 417 11.62 -31.05 -12.42
N TYR A 418 11.67 -31.78 -11.31
CA TYR A 418 11.53 -31.14 -9.99
C TYR A 418 12.69 -30.18 -9.76
N LYS A 419 13.89 -30.56 -10.19
CA LYS A 419 15.04 -29.69 -10.01
C LYS A 419 14.88 -28.42 -10.82
N THR A 420 14.24 -28.52 -11.99
CA THR A 420 14.02 -27.35 -12.81
C THR A 420 13.17 -26.36 -12.01
N PHE A 421 12.20 -26.89 -11.26
CA PHE A 421 11.34 -26.03 -10.46
C PHE A 421 12.06 -25.39 -9.28
N THR A 422 12.84 -26.18 -8.53
CA THR A 422 13.55 -25.62 -7.39
C THR A 422 14.68 -24.69 -7.82
N ASP A 423 15.29 -24.98 -8.97
CA ASP A 423 16.38 -24.16 -9.50
C ASP A 423 15.90 -22.73 -9.79
N ALA A 424 14.60 -22.57 -10.00
CA ALA A 424 14.04 -21.26 -10.31
C ALA A 424 13.84 -20.37 -9.09
N ALA A 425 14.03 -20.93 -7.90
CA ALA A 425 13.84 -20.15 -6.68
C ALA A 425 14.72 -18.91 -6.62
N GLU A 426 15.97 -19.00 -7.06
CA GLU A 426 16.86 -17.85 -7.02
C GLU A 426 16.34 -16.65 -7.83
N VAL A 427 15.99 -16.89 -9.09
CA VAL A 427 15.50 -15.82 -9.95
C VAL A 427 14.15 -15.28 -9.46
N ILE A 428 13.26 -16.17 -9.05
CA ILE A 428 11.96 -15.73 -8.57
C ILE A 428 12.08 -14.92 -7.29
N GLY A 429 12.92 -15.38 -6.36
CA GLY A 429 13.12 -14.66 -5.12
C GLY A 429 13.72 -13.29 -5.38
N GLU A 430 14.67 -13.23 -6.32
CA GLU A 430 15.31 -11.95 -6.66
C GLU A 430 14.28 -11.03 -7.29
N ALA A 431 13.31 -11.61 -7.99
CA ALA A 431 12.27 -10.81 -8.63
C ALA A 431 11.38 -10.22 -7.53
N TRP A 432 11.03 -11.02 -6.52
CA TRP A 432 10.22 -10.50 -5.43
C TRP A 432 11.02 -9.41 -4.71
N GLU A 433 12.28 -9.72 -4.42
CA GLU A 433 13.16 -8.80 -3.72
C GLU A 433 13.29 -7.45 -4.40
N SER A 434 13.52 -7.47 -5.72
CA SER A 434 13.69 -6.24 -6.50
C SER A 434 12.37 -5.56 -6.87
N ARG A 435 11.26 -6.12 -6.41
CA ARG A 435 9.92 -5.59 -6.69
C ARG A 435 9.48 -5.75 -8.15
N GLU A 436 10.15 -6.65 -8.86
CA GLU A 436 9.79 -6.94 -10.25
C GLU A 436 8.74 -8.05 -10.14
N PHE A 437 7.58 -7.69 -9.60
CA PHE A 437 6.50 -8.64 -9.40
C PHE A 437 6.01 -9.29 -10.68
N GLY A 438 5.86 -8.49 -11.73
CA GLY A 438 5.40 -9.02 -13.00
C GLY A 438 6.33 -10.10 -13.51
N LYS A 439 7.63 -9.91 -13.31
CA LYS A 439 8.61 -10.90 -13.75
C LYS A 439 8.46 -12.20 -12.96
N ALA A 440 8.29 -12.07 -11.65
CA ALA A 440 8.14 -13.25 -10.80
C ALA A 440 6.91 -14.05 -11.22
N VAL A 441 5.80 -13.36 -11.47
CA VAL A 441 4.57 -14.05 -11.88
C VAL A 441 4.75 -14.75 -13.23
N ARG A 442 5.43 -14.08 -14.17
CA ARG A 442 5.64 -14.69 -15.48
C ARG A 442 6.47 -15.97 -15.35
N GLU A 443 7.50 -15.93 -14.50
CA GLU A 443 8.35 -17.09 -14.29
C GLU A 443 7.55 -18.21 -13.62
N ILE A 444 6.73 -17.85 -12.65
CA ILE A 444 5.92 -18.84 -11.93
C ILE A 444 4.91 -19.49 -12.86
N MET A 445 4.23 -18.69 -13.68
CA MET A 445 3.25 -19.23 -14.60
C MET A 445 3.92 -20.05 -15.72
N ALA A 446 5.15 -19.71 -16.04
CA ALA A 446 5.89 -20.46 -17.06
C ALA A 446 6.12 -21.87 -16.52
N LEU A 447 6.42 -21.94 -15.22
CA LEU A 447 6.63 -23.22 -14.57
C LEU A 447 5.30 -23.96 -14.50
N ALA A 448 4.23 -23.23 -14.23
CA ALA A 448 2.90 -23.83 -14.16
C ALA A 448 2.56 -24.47 -15.50
N ASP A 449 2.93 -23.82 -16.60
CA ASP A 449 2.66 -24.38 -17.92
C ASP A 449 3.42 -25.68 -18.09
N LEU A 450 4.68 -25.69 -17.67
CA LEU A 450 5.53 -26.87 -17.76
C LEU A 450 4.94 -28.00 -16.93
N ALA A 451 4.44 -27.67 -15.74
CA ALA A 451 3.84 -28.67 -14.86
C ALA A 451 2.62 -29.31 -15.49
N ASN A 452 1.77 -28.49 -16.10
CA ASN A 452 0.57 -29.03 -16.73
C ASN A 452 0.89 -29.81 -17.99
N ARG A 453 1.99 -29.44 -18.65
CA ARG A 453 2.40 -30.15 -19.85
C ARG A 453 2.81 -31.55 -19.40
N TYR A 454 3.54 -31.62 -18.30
CA TYR A 454 3.99 -32.90 -17.75
C TYR A 454 2.79 -33.81 -17.49
N VAL A 455 1.80 -33.28 -16.78
CA VAL A 455 0.61 -34.08 -16.48
C VAL A 455 -0.10 -34.49 -17.76
N ASP A 456 -0.21 -33.58 -18.72
CA ASP A 456 -0.88 -33.91 -19.98
C ASP A 456 -0.14 -35.03 -20.69
N GLU A 457 1.20 -34.97 -20.66
CA GLU A 457 2.03 -35.98 -21.30
C GLU A 457 1.88 -37.35 -20.65
N GLN A 458 1.66 -37.38 -19.34
CA GLN A 458 1.50 -38.64 -18.62
C GLN A 458 0.09 -39.18 -18.71
N ALA A 459 -0.84 -38.30 -19.07
CA ALA A 459 -2.25 -38.66 -19.23
C ALA A 459 -2.83 -39.53 -18.12
N PRO A 460 -2.91 -38.98 -16.89
CA PRO A 460 -3.46 -39.76 -15.77
C PRO A 460 -4.89 -40.27 -16.01
N TRP A 461 -5.67 -39.54 -16.78
CA TRP A 461 -7.05 -39.94 -17.06
C TRP A 461 -7.09 -41.21 -17.91
N VAL A 462 -5.96 -41.52 -18.55
CA VAL A 462 -5.85 -42.72 -19.37
C VAL A 462 -5.27 -43.84 -18.51
N VAL A 463 -4.20 -43.52 -17.79
CA VAL A 463 -3.54 -44.49 -16.92
C VAL A 463 -4.49 -45.05 -15.86
N ALA A 464 -5.39 -44.21 -15.36
CA ALA A 464 -6.34 -44.60 -14.32
C ALA A 464 -7.29 -45.72 -14.71
N LYS A 465 -7.59 -45.84 -16.00
CA LYS A 465 -8.51 -46.87 -16.47
C LYS A 465 -7.81 -48.11 -17.01
N GLN A 466 -6.48 -48.12 -16.95
CA GLN A 466 -5.73 -49.26 -17.47
C GLN A 466 -5.22 -50.20 -16.38
N GLU A 467 -5.65 -51.47 -16.49
CA GLU A 467 -5.30 -52.51 -15.53
C GLU A 467 -3.82 -52.59 -15.15
N GLY A 468 -3.58 -52.71 -13.84
CA GLY A 468 -2.22 -52.84 -13.32
C GLY A 468 -1.35 -51.60 -13.33
N ARG A 469 -1.92 -50.44 -13.64
CA ARG A 469 -1.14 -49.21 -13.69
C ARG A 469 -1.25 -48.35 -12.43
N ASP A 470 -1.67 -48.95 -11.31
CA ASP A 470 -1.82 -48.21 -10.06
C ASP A 470 -0.55 -47.47 -9.64
N ALA A 471 0.57 -48.17 -9.64
CA ALA A 471 1.85 -47.58 -9.26
C ALA A 471 2.15 -46.34 -10.08
N ASP A 472 1.96 -46.45 -11.40
CA ASP A 472 2.22 -45.33 -12.29
C ASP A 472 1.28 -44.16 -12.00
N LEU A 473 0.02 -44.47 -11.72
CA LEU A 473 -0.95 -43.40 -11.44
C LEU A 473 -0.53 -42.62 -10.19
N GLN A 474 -0.21 -43.34 -9.12
CA GLN A 474 0.21 -42.67 -7.88
C GLN A 474 1.46 -41.83 -8.13
N ALA A 475 2.38 -42.35 -8.95
CA ALA A 475 3.62 -41.63 -9.24
C ALA A 475 3.33 -40.32 -9.99
N ILE A 476 2.51 -40.40 -11.02
CA ILE A 476 2.16 -39.24 -11.82
C ILE A 476 1.47 -38.15 -10.99
N CYS A 477 0.44 -38.55 -10.25
CA CYS A 477 -0.33 -37.62 -9.44
C CYS A 477 0.48 -37.01 -8.30
N SER A 478 1.36 -37.80 -7.70
CA SER A 478 2.19 -37.29 -6.61
C SER A 478 3.17 -36.26 -7.16
N MET A 479 3.66 -36.53 -8.37
CA MET A 479 4.60 -35.60 -9.02
C MET A 479 3.90 -34.25 -9.25
N GLY A 480 2.67 -34.31 -9.75
CA GLY A 480 1.92 -33.09 -9.99
C GLY A 480 1.67 -32.30 -8.72
N ILE A 481 1.37 -33.01 -7.64
CA ILE A 481 1.11 -32.36 -6.36
C ILE A 481 2.36 -31.71 -5.80
N ASN A 482 3.52 -32.33 -6.02
CA ASN A 482 4.77 -31.74 -5.54
C ASN A 482 5.13 -30.50 -6.34
N LEU A 483 4.80 -30.49 -7.64
CA LEU A 483 5.08 -29.31 -8.44
C LEU A 483 4.18 -28.19 -7.92
N PHE A 484 2.95 -28.57 -7.54
CA PHE A 484 1.99 -27.61 -6.99
C PHE A 484 2.57 -27.02 -5.69
N ARG A 485 3.17 -27.89 -4.87
CA ARG A 485 3.78 -27.47 -3.61
C ARG A 485 4.77 -26.33 -3.86
N VAL A 486 5.66 -26.53 -4.83
CA VAL A 486 6.66 -25.52 -5.15
C VAL A 486 6.03 -24.22 -5.65
N LEU A 487 5.09 -24.35 -6.58
CA LEU A 487 4.42 -23.16 -7.13
C LEU A 487 3.72 -22.34 -6.06
N MET A 488 3.01 -23.00 -5.15
CA MET A 488 2.30 -22.30 -4.09
C MET A 488 3.27 -21.65 -3.11
N THR A 489 4.49 -22.16 -3.04
CA THR A 489 5.49 -21.58 -2.16
C THR A 489 5.93 -20.25 -2.76
N TYR A 490 6.15 -20.24 -4.08
CA TYR A 490 6.57 -19.02 -4.77
C TYR A 490 5.46 -17.98 -4.75
N LEU A 491 4.20 -18.44 -4.72
CA LEU A 491 3.05 -17.56 -4.70
C LEU A 491 2.54 -17.22 -3.30
N LYS A 492 3.16 -17.79 -2.28
CA LYS A 492 2.71 -17.56 -0.91
C LYS A 492 2.62 -16.08 -0.52
N PRO A 493 3.59 -15.25 -0.93
CA PRO A 493 3.48 -13.83 -0.57
C PRO A 493 2.31 -13.13 -1.26
N VAL A 494 1.85 -13.70 -2.37
CA VAL A 494 0.78 -13.10 -3.17
C VAL A 494 -0.64 -13.51 -2.79
N LEU A 495 -0.84 -14.79 -2.50
CA LEU A 495 -2.15 -15.34 -2.19
C LEU A 495 -2.21 -16.00 -0.80
N PRO A 496 -2.30 -15.19 0.26
CA PRO A 496 -2.35 -15.70 1.64
C PRO A 496 -3.45 -16.72 1.92
N LYS A 497 -4.67 -16.44 1.45
CA LYS A 497 -5.78 -17.35 1.70
C LYS A 497 -5.70 -18.65 0.94
N LEU A 498 -5.46 -18.59 -0.36
CA LEU A 498 -5.33 -19.82 -1.13
C LEU A 498 -4.17 -20.63 -0.54
N THR A 499 -3.14 -19.94 -0.08
CA THR A 499 -1.99 -20.62 0.51
C THR A 499 -2.37 -21.41 1.75
N GLU A 500 -3.22 -20.81 2.60
CA GLU A 500 -3.66 -21.50 3.81
C GLU A 500 -4.43 -22.75 3.43
N ARG A 501 -5.27 -22.65 2.40
CA ARG A 501 -6.05 -23.79 1.97
C ARG A 501 -5.12 -24.86 1.38
N ALA A 502 -4.10 -24.41 0.66
CA ALA A 502 -3.14 -25.35 0.08
C ALA A 502 -2.35 -26.05 1.17
N GLU A 503 -1.97 -25.32 2.22
CA GLU A 503 -1.20 -25.91 3.31
C GLU A 503 -2.05 -26.92 4.09
N ALA A 504 -3.35 -26.67 4.18
CA ALA A 504 -4.23 -27.60 4.89
C ALA A 504 -4.34 -28.89 4.08
N PHE A 505 -4.45 -28.76 2.76
CA PHE A 505 -4.54 -29.90 1.86
C PHE A 505 -3.24 -30.70 1.90
N LEU A 506 -2.12 -29.99 1.80
CA LEU A 506 -0.81 -30.62 1.79
C LEU A 506 -0.34 -31.11 3.16
N ASN A 507 -0.98 -30.66 4.23
CA ASN A 507 -0.58 -31.05 5.57
C ASN A 507 0.82 -30.57 5.89
N THR A 508 1.12 -29.34 5.49
CA THR A 508 2.44 -28.78 5.74
C THR A 508 2.47 -27.29 5.50
N GLU A 509 3.25 -26.59 6.31
CA GLU A 509 3.43 -25.16 6.16
C GLU A 509 4.41 -25.01 5.02
N LEU A 510 4.20 -24.02 4.15
CA LEU A 510 5.11 -23.82 3.03
C LEU A 510 6.20 -22.82 3.39
N THR A 511 7.46 -23.28 3.35
CA THR A 511 8.59 -22.40 3.64
C THR A 511 9.43 -22.32 2.38
N TRP A 512 10.19 -21.24 2.24
CA TRP A 512 11.01 -21.05 1.07
C TRP A 512 12.03 -22.17 0.86
N ASP A 513 12.73 -22.54 1.92
CA ASP A 513 13.74 -23.60 1.82
C ASP A 513 13.13 -25.00 1.78
N GLY A 514 11.90 -25.14 2.28
CA GLY A 514 11.25 -26.43 2.31
C GLY A 514 11.08 -27.13 0.96
N ILE A 515 11.04 -26.37 -0.13
CA ILE A 515 10.86 -26.97 -1.44
C ILE A 515 11.98 -27.92 -1.82
N GLN A 516 13.12 -27.80 -1.14
CA GLN A 516 14.26 -28.67 -1.41
C GLN A 516 13.99 -30.11 -0.98
N GLN A 517 12.98 -30.29 -0.14
CA GLN A 517 12.61 -31.62 0.33
C GLN A 517 11.18 -31.93 -0.13
N PRO A 518 11.03 -32.60 -1.28
CA PRO A 518 9.67 -32.89 -1.75
C PRO A 518 8.89 -33.77 -0.76
N LEU A 519 7.58 -33.75 -0.88
CA LEU A 519 6.73 -34.55 -0.01
C LEU A 519 6.71 -35.98 -0.53
N LEU A 520 7.29 -36.90 0.24
CA LEU A 520 7.37 -38.31 -0.14
C LEU A 520 6.80 -39.20 0.95
N GLY A 521 6.03 -40.21 0.57
CA GLY A 521 5.43 -41.11 1.56
C GLY A 521 4.74 -40.22 2.58
N HIS A 522 4.00 -39.26 2.05
CA HIS A 522 3.33 -38.23 2.84
C HIS A 522 1.82 -38.21 2.63
N LYS A 523 1.08 -38.10 3.72
CA LYS A 523 -0.38 -38.08 3.69
C LYS A 523 -0.95 -36.68 3.44
N VAL A 524 -1.85 -36.57 2.46
CA VAL A 524 -2.49 -35.30 2.17
C VAL A 524 -3.96 -35.45 2.52
N ASN A 525 -4.66 -34.34 2.65
CA ASN A 525 -6.08 -34.37 3.01
C ASN A 525 -6.97 -34.08 1.81
N PRO A 526 -8.26 -34.42 1.91
CA PRO A 526 -9.20 -34.17 0.82
C PRO A 526 -9.59 -32.70 0.90
N PHE A 527 -9.96 -32.10 -0.22
CA PHE A 527 -10.37 -30.71 -0.17
C PHE A 527 -11.52 -30.40 -1.11
N LYS A 528 -12.30 -29.41 -0.72
CA LYS A 528 -13.42 -28.91 -1.49
C LYS A 528 -12.82 -27.74 -2.26
N ALA A 529 -13.40 -27.41 -3.42
CA ALA A 529 -12.92 -26.31 -4.27
C ALA A 529 -11.87 -25.35 -3.68
N LEU A 530 -10.61 -25.52 -4.06
CA LEU A 530 -9.56 -24.62 -3.57
C LEU A 530 -9.74 -23.21 -4.10
N TYR A 531 -10.31 -23.09 -5.30
CA TYR A 531 -10.53 -21.78 -5.91
C TYR A 531 -11.48 -21.93 -7.09
N ASN A 532 -12.60 -21.22 -7.05
CA ASN A 532 -13.61 -21.30 -8.10
C ASN A 532 -13.45 -20.21 -9.15
N ARG A 533 -14.01 -20.48 -10.34
CA ARG A 533 -13.96 -19.52 -11.45
C ARG A 533 -14.86 -18.34 -11.17
N ILE A 534 -14.52 -17.20 -11.77
CA ILE A 534 -15.32 -15.98 -11.63
C ILE A 534 -15.84 -15.66 -13.03
N ASP A 535 -16.81 -14.76 -13.15
CA ASP A 535 -17.34 -14.43 -14.46
C ASP A 535 -17.73 -12.96 -14.60
N MET A 536 -17.95 -12.55 -15.85
CA MET A 536 -18.31 -11.16 -16.14
C MET A 536 -19.59 -10.69 -15.45
N ARG A 537 -20.48 -11.61 -15.09
CA ARG A 537 -21.70 -11.21 -14.42
C ARG A 537 -21.37 -10.59 -13.06
N GLN A 538 -20.33 -11.12 -12.42
CA GLN A 538 -19.90 -10.60 -11.13
C GLN A 538 -19.28 -9.22 -11.30
N VAL A 539 -18.54 -9.03 -12.40
CA VAL A 539 -17.92 -7.75 -12.68
C VAL A 539 -19.04 -6.73 -12.91
N GLU A 540 -20.05 -7.14 -13.66
CA GLU A 540 -21.17 -6.27 -13.94
C GLU A 540 -21.85 -5.84 -12.65
N ALA A 541 -22.02 -6.78 -11.73
CA ALA A 541 -22.65 -6.49 -10.45
C ALA A 541 -21.82 -5.50 -9.63
N LEU A 542 -20.50 -5.70 -9.64
CA LEU A 542 -19.59 -4.82 -8.90
C LEU A 542 -19.73 -3.40 -9.43
N VAL A 543 -19.71 -3.25 -10.75
CA VAL A 543 -19.82 -1.94 -11.36
C VAL A 543 -21.16 -1.28 -11.01
N GLU A 544 -22.25 -2.02 -11.15
CA GLU A 544 -23.57 -1.46 -10.84
C GLU A 544 -23.69 -1.06 -9.37
N ALA A 545 -23.14 -1.87 -8.47
CA ALA A 545 -23.19 -1.55 -7.05
C ALA A 545 -22.38 -0.29 -6.79
N SER A 546 -21.26 -0.15 -7.51
CA SER A 546 -20.41 1.02 -7.33
C SER A 546 -21.07 2.29 -7.86
N LYS A 547 -21.89 2.16 -8.89
CA LYS A 547 -22.59 3.32 -9.43
C LYS A 547 -23.60 3.80 -8.39
N GLU A 548 -24.36 2.85 -7.84
CA GLU A 548 -25.38 3.13 -6.84
C GLU A 548 -24.85 3.82 -5.59
N GLU A 549 -23.59 3.58 -5.24
CA GLU A 549 -23.00 4.20 -4.07
C GLU A 549 -22.72 5.67 -4.33
#